data_6VKJ
#
_entry.id   6VKJ
#
_cell.length_a   87.951
_cell.length_b   87.951
_cell.length_c   105.279
_cell.angle_alpha   90.000
_cell.angle_beta   90.000
_cell.angle_gamma   90.000
#
_symmetry.space_group_name_H-M   'P 41 21 2'
#
loop_
_entity.id
_entity.type
_entity.pdbx_description
1 polymer 'Guanylate-binding protein 2'
2 non-polymer "GUANOSINE-5'-DIPHOSPHATE"
3 water water
#
_entity_poly.entity_id   1
_entity_poly.type   'polypeptide(L)'
_entity_poly.pdbx_seq_one_letter_code
;INLPGPMSLIDNTKGQLVVNPEALKILSAITQPVVVVAIVGLYRTGKSYLMNKLAGKKNGFSLGSTVKSHTKGIWMWCVP
HPKKPEHTLVLLDTEGLGDIEKGDNENDSWIFALAILLSSTFVYNSMGTINQQAMDQLHYVTELTDRIKANSSPGNNSVD
DSADFVSFFPAFVWTLRDFTLELEVDGEPITADDYLELSLKLRKGTDKKSKSFNDPRLCIRKFFPKRKCFVFDWPAPKKY
LAHLEQLKEEELNPDFIEQVAEFCSYILSHSNVKTLSGGIPVNGPRLESLVLTYVNAISSGDLPC
;
_entity_poly.pdbx_strand_id   A
#
# COMPACT_ATOMS: atom_id res chain seq x y z
N ILE A 1 15.06 -12.20 17.13
CA ILE A 1 16.51 -12.25 17.21
C ILE A 1 17.09 -10.85 17.42
N ASN A 2 17.23 -10.11 16.32
CA ASN A 2 17.84 -8.79 16.36
C ASN A 2 17.01 -7.72 15.66
N LEU A 3 15.92 -8.08 14.98
CA LEU A 3 15.07 -7.07 14.36
C LEU A 3 14.08 -6.52 15.38
N PRO A 4 14.06 -5.20 15.61
CA PRO A 4 13.18 -4.64 16.63
C PRO A 4 11.74 -4.46 16.15
N GLY A 5 10.92 -3.77 16.97
CA GLY A 5 9.54 -3.54 16.65
C GLY A 5 9.35 -2.32 15.78
N PRO A 6 8.08 -2.02 15.44
CA PRO A 6 7.80 -0.93 14.51
C PRO A 6 8.43 0.39 14.96
N MET A 7 8.86 1.19 13.99
CA MET A 7 9.48 2.47 14.26
C MET A 7 9.11 3.42 13.13
N SER A 8 9.27 4.69 13.35
CA SER A 8 9.02 5.64 12.31
C SER A 8 10.11 5.56 11.30
N LEU A 9 9.79 5.69 10.05
CA LEU A 9 10.77 5.75 9.00
C LEU A 9 10.90 7.23 8.66
N ILE A 10 9.78 7.88 8.44
CA ILE A 10 9.67 9.28 8.16
C ILE A 10 8.30 9.78 8.53
N ASP A 11 8.22 10.80 9.35
CA ASP A 11 6.95 11.36 9.73
C ASP A 11 7.03 12.83 10.06
N ASN A 12 5.90 13.46 10.22
CA ASN A 12 5.88 14.86 10.51
C ASN A 12 5.28 15.19 11.86
N THR A 13 5.40 14.29 12.80
CA THR A 13 4.83 14.47 14.09
C THR A 13 5.19 15.79 14.73
N LYS A 14 6.44 16.12 14.76
CA LYS A 14 6.84 17.35 15.41
C LYS A 14 7.22 18.49 14.48
N GLY A 15 6.30 18.96 13.66
CA GLY A 15 6.65 20.08 12.81
C GLY A 15 6.89 19.87 11.35
N GLN A 16 7.90 19.12 11.00
CA GLN A 16 8.12 18.81 9.61
C GLN A 16 8.59 17.41 9.46
N LEU A 17 8.71 17.00 8.23
CA LEU A 17 9.13 15.64 7.90
C LEU A 17 10.56 15.39 8.35
N VAL A 18 10.76 14.32 9.10
CA VAL A 18 12.07 13.91 9.59
C VAL A 18 12.27 12.44 9.26
N VAL A 19 13.44 12.11 8.71
CA VAL A 19 13.82 10.73 8.46
C VAL A 19 14.47 10.19 9.73
N ASN A 20 14.01 9.04 10.18
CA ASN A 20 14.51 8.45 11.42
C ASN A 20 15.87 7.81 11.18
N PRO A 21 16.96 8.37 11.71
CA PRO A 21 18.27 7.75 11.48
C PRO A 21 18.32 6.33 11.99
N GLU A 22 17.48 5.98 12.97
CA GLU A 22 17.49 4.62 13.48
C GLU A 22 16.90 3.64 12.48
N ALA A 23 15.95 4.08 11.65
CA ALA A 23 15.36 3.16 10.68
C ALA A 23 16.33 2.83 9.57
N LEU A 24 17.12 3.83 9.15
CA LEU A 24 18.16 3.59 8.16
C LEU A 24 19.22 2.66 8.71
N LYS A 25 19.55 2.81 9.99
CA LYS A 25 20.51 1.92 10.61
C LYS A 25 20.02 0.48 10.58
N ILE A 26 18.73 0.26 10.84
CA ILE A 26 18.20 -1.11 10.79
C ILE A 26 18.32 -1.67 9.37
N LEU A 27 17.91 -0.87 8.38
CA LEU A 27 17.97 -1.30 6.99
C LEU A 27 19.41 -1.59 6.58
N SER A 28 20.35 -0.77 7.05
CA SER A 28 21.75 -0.95 6.69
C SER A 28 22.25 -2.34 7.09
N ALA A 29 21.68 -2.92 8.12
CA ALA A 29 22.15 -4.21 8.63
C ALA A 29 21.39 -5.41 8.07
N ILE A 30 20.43 -5.20 7.18
CA ILE A 30 19.64 -6.30 6.64
C ILE A 30 20.30 -6.72 5.32
N THR A 31 21.23 -7.67 5.42
CA THR A 31 21.98 -8.15 4.26
C THR A 31 21.14 -9.03 3.35
N GLN A 32 20.02 -9.57 3.82
CA GLN A 32 19.18 -10.44 3.02
C GLN A 32 18.36 -9.63 2.00
N PRO A 33 18.00 -10.24 0.87
CA PRO A 33 16.99 -9.63 0.00
C PRO A 33 15.71 -9.32 0.76
N VAL A 34 15.01 -8.25 0.38
CA VAL A 34 13.83 -7.82 1.11
C VAL A 34 12.61 -7.87 0.19
N VAL A 35 11.48 -8.23 0.78
CA VAL A 35 10.17 -8.13 0.16
C VAL A 35 9.49 -6.98 0.88
N VAL A 36 9.06 -5.97 0.13
CA VAL A 36 8.52 -4.76 0.75
C VAL A 36 7.04 -4.66 0.44
N VAL A 37 6.22 -4.60 1.48
CA VAL A 37 4.77 -4.40 1.36
C VAL A 37 4.42 -3.07 2.03
N ALA A 38 3.80 -2.16 1.27
CA ALA A 38 3.31 -0.89 1.77
C ALA A 38 1.79 -0.87 1.73
N ILE A 39 1.18 -0.19 2.71
CA ILE A 39 -0.28 -0.06 2.73
C ILE A 39 -0.64 1.40 2.92
N VAL A 40 -1.66 1.84 2.18
CA VAL A 40 -2.09 3.23 2.20
C VAL A 40 -3.61 3.24 2.22
N GLY A 41 -4.18 4.19 2.95
CA GLY A 41 -5.62 4.30 3.06
C GLY A 41 -6.00 5.26 4.16
N LEU A 42 -7.29 5.59 4.20
CA LEU A 42 -7.74 6.62 5.13
C LEU A 42 -7.53 6.17 6.57
N TYR A 43 -7.55 7.16 7.47
CA TYR A 43 -7.30 6.93 8.88
C TYR A 43 -8.25 5.89 9.47
N ARG A 44 -7.70 4.98 10.28
CA ARG A 44 -8.52 4.01 11.02
C ARG A 44 -9.43 3.20 10.08
N THR A 45 -8.87 2.68 9.00
CA THR A 45 -9.60 1.72 8.16
C THR A 45 -9.09 0.30 8.35
N GLY A 46 -8.33 0.06 9.42
CA GLY A 46 -7.83 -1.28 9.69
C GLY A 46 -6.57 -1.66 8.94
N LYS A 47 -5.77 -0.67 8.52
CA LYS A 47 -4.51 -0.97 7.82
C LYS A 47 -3.55 -1.71 8.74
N SER A 48 -3.36 -1.21 9.96
CA SER A 48 -2.36 -1.82 10.82
C SER A 48 -2.77 -3.24 11.20
N TYR A 49 -4.06 -3.46 11.49
CA TYR A 49 -4.52 -4.80 11.82
C TYR A 49 -4.13 -5.79 10.74
N LEU A 50 -4.27 -5.40 9.47
CA LEU A 50 -3.97 -6.32 8.38
C LEU A 50 -2.46 -6.55 8.25
N MET A 51 -1.67 -5.48 8.36
CA MET A 51 -0.21 -5.67 8.31
C MET A 51 0.31 -6.52 9.46
N ASN A 52 -0.33 -6.42 10.63
CA ASN A 52 0.12 -7.26 11.74
C ASN A 52 -0.13 -8.73 11.42
N LYS A 53 -1.18 -9.04 10.66
CA LYS A 53 -1.45 -10.42 10.31
C LYS A 53 -0.38 -10.95 9.36
N LEU A 54 0.13 -10.10 8.46
CA LEU A 54 1.23 -10.51 7.59
C LEU A 54 2.46 -10.87 8.40
N ALA A 55 2.75 -10.10 9.45
CA ALA A 55 4.00 -10.30 10.15
C ALA A 55 3.93 -11.55 11.02
N GLY A 56 2.73 -11.92 11.46
CA GLY A 56 2.61 -13.08 12.31
C GLY A 56 3.33 -12.95 13.64
N LYS A 57 3.55 -11.73 14.10
CA LYS A 57 4.16 -11.46 15.40
C LYS A 57 3.25 -10.57 16.24
N LYS A 58 3.45 -10.64 17.54
CA LYS A 58 2.75 -9.78 18.50
C LYS A 58 3.40 -8.41 18.54
N ASN A 59 2.68 -7.45 19.08
CA ASN A 59 3.22 -6.11 19.33
C ASN A 59 3.68 -5.44 18.03
N GLY A 60 2.81 -5.48 17.03
CA GLY A 60 3.05 -4.83 15.76
C GLY A 60 2.52 -3.41 15.74
N PHE A 61 2.11 -2.98 14.54
CA PHE A 61 1.63 -1.62 14.35
C PHE A 61 0.34 -1.37 15.12
N SER A 62 0.17 -0.14 15.60
CA SER A 62 -1.11 0.32 16.14
C SER A 62 -1.37 1.77 15.74
N LEU A 63 -1.20 2.08 14.46
CA LEU A 63 -1.17 3.50 14.06
C LEU A 63 -2.50 4.18 14.32
N GLY A 64 -3.61 3.47 14.09
CA GLY A 64 -4.92 4.04 14.33
C GLY A 64 -5.21 4.41 15.78
N SER A 65 -4.42 3.87 16.73
CA SER A 65 -4.62 4.18 18.15
C SER A 65 -3.62 5.16 18.71
N THR A 66 -2.49 5.37 18.05
CA THR A 66 -1.39 6.14 18.65
C THR A 66 -0.94 7.33 17.82
N VAL A 67 -1.27 7.37 16.54
CA VAL A 67 -0.98 8.52 15.68
C VAL A 67 -2.25 9.38 15.62
N LYS A 68 -2.09 10.68 15.62
CA LYS A 68 -3.20 11.61 15.55
C LYS A 68 -3.76 11.77 14.16
N SER A 69 -5.00 12.17 14.01
CA SER A 69 -5.53 12.20 12.69
C SER A 69 -4.90 13.12 11.69
N HIS A 70 -4.05 14.02 12.10
CA HIS A 70 -3.46 14.96 11.15
C HIS A 70 -2.01 14.65 10.80
N THR A 71 -1.38 13.69 11.48
CA THR A 71 0.01 13.37 11.21
C THR A 71 0.12 12.56 9.93
N LYS A 72 1.17 12.81 9.17
CA LYS A 72 1.52 11.96 8.05
C LYS A 72 2.82 11.23 8.36
N GLY A 73 2.90 9.95 8.00
CA GLY A 73 4.16 9.27 8.17
C GLY A 73 4.15 7.90 7.52
N ILE A 74 5.35 7.34 7.40
CA ILE A 74 5.58 5.93 7.12
C ILE A 74 6.21 5.28 8.34
N TRP A 75 5.61 4.18 8.80
CA TRP A 75 6.21 3.40 9.88
C TRP A 75 6.68 2.05 9.33
N MET A 76 7.84 1.60 9.81
CA MET A 76 8.53 0.44 9.28
C MET A 76 8.63 -0.66 10.34
N TRP A 77 8.40 -1.90 9.90
CA TRP A 77 8.61 -3.06 10.75
C TRP A 77 9.19 -4.16 9.87
N CYS A 78 10.41 -4.58 10.18
CA CYS A 78 11.09 -5.63 9.44
C CYS A 78 11.05 -6.90 10.26
N VAL A 79 10.69 -8.04 9.58
CA VAL A 79 10.63 -9.34 10.19
C VAL A 79 11.20 -10.36 9.24
N PRO A 80 11.63 -11.52 9.75
CA PRO A 80 11.97 -12.63 8.85
C PRO A 80 10.76 -12.98 8.00
N HIS A 81 10.99 -13.29 6.73
CA HIS A 81 9.85 -13.54 5.85
C HIS A 81 9.17 -14.82 6.29
N PRO A 82 7.87 -14.81 6.60
CA PRO A 82 7.23 -16.01 7.18
C PRO A 82 7.26 -17.23 6.28
N LYS A 83 7.50 -17.09 4.99
CA LYS A 83 7.52 -18.24 4.09
C LYS A 83 8.79 -18.38 3.26
N LYS A 84 9.64 -17.36 3.17
CA LYS A 84 10.84 -17.43 2.34
C LYS A 84 12.06 -17.33 3.24
N PRO A 85 12.77 -18.43 3.46
CA PRO A 85 13.89 -18.37 4.41
C PRO A 85 14.99 -17.46 3.90
N GLU A 86 15.63 -16.75 4.82
CA GLU A 86 16.75 -15.88 4.47
C GLU A 86 16.30 -14.75 3.55
N HIS A 87 15.06 -14.35 3.71
CA HIS A 87 14.48 -13.18 3.09
C HIS A 87 13.90 -12.40 4.23
N THR A 88 13.93 -11.11 4.14
CA THR A 88 13.33 -10.28 5.17
C THR A 88 12.13 -9.56 4.59
N LEU A 89 11.04 -9.56 5.35
CA LEU A 89 9.81 -8.90 4.98
C LEU A 89 9.82 -7.52 5.62
N VAL A 90 9.76 -6.48 4.79
CA VAL A 90 9.74 -5.09 5.25
C VAL A 90 8.32 -4.55 5.12
N LEU A 91 7.70 -4.26 6.25
CA LEU A 91 6.32 -3.77 6.29
C LEU A 91 6.31 -2.26 6.43
N LEU A 92 5.62 -1.57 5.52
CA LEU A 92 5.55 -0.10 5.55
C LEU A 92 4.09 0.26 5.74
N ASP A 93 3.74 0.68 6.96
CA ASP A 93 2.41 1.11 7.34
C ASP A 93 2.39 2.63 7.34
N THR A 94 1.36 3.23 6.77
CA THR A 94 1.30 4.67 6.60
C THR A 94 0.01 5.25 7.19
N GLU A 95 0.03 6.54 7.48
CA GLU A 95 -1.12 7.27 8.02
C GLU A 95 -1.11 8.68 7.48
N GLY A 96 -2.26 9.32 7.53
CA GLY A 96 -2.40 10.71 7.14
C GLY A 96 -2.88 10.94 5.71
N LEU A 97 -3.26 9.89 4.98
CA LEU A 97 -3.85 10.08 3.67
C LEU A 97 -5.08 10.96 3.79
N GLY A 98 -5.10 12.06 3.05
CA GLY A 98 -6.21 12.99 3.14
C GLY A 98 -7.34 12.68 2.18
N ASP A 99 -8.56 13.04 2.59
CA ASP A 99 -9.74 12.92 1.74
C ASP A 99 -9.80 14.13 0.81
N ILE A 100 -9.52 13.92 -0.48
CA ILE A 100 -9.48 15.03 -1.43
C ILE A 100 -10.84 15.71 -1.55
N GLU A 101 -11.93 14.96 -1.36
CA GLU A 101 -13.25 15.56 -1.48
C GLU A 101 -13.54 16.57 -0.38
N LYS A 102 -12.94 16.40 0.77
CA LYS A 102 -13.15 17.30 1.86
C LYS A 102 -12.09 18.39 2.00
N GLY A 103 -11.24 18.50 1.02
CA GLY A 103 -10.15 19.45 1.06
C GLY A 103 -9.20 19.25 2.24
N ASP A 104 -8.91 17.99 2.57
CA ASP A 104 -7.96 17.67 3.63
C ASP A 104 -6.56 18.15 3.24
N ASN A 105 -5.74 18.44 4.26
CA ASN A 105 -4.43 19.04 4.01
C ASN A 105 -3.54 18.06 3.26
N GLU A 106 -2.97 18.52 2.14
CA GLU A 106 -2.16 17.65 1.30
C GLU A 106 -0.66 17.88 1.47
N ASN A 107 -0.25 18.85 2.29
CA ASN A 107 1.17 19.03 2.55
C ASN A 107 1.79 17.72 3.00
N ASP A 108 2.99 17.44 2.50
CA ASP A 108 3.75 16.21 2.76
C ASP A 108 3.10 14.96 2.20
N SER A 109 2.06 15.08 1.35
CA SER A 109 1.45 13.84 0.87
C SER A 109 2.36 13.05 -0.07
N TRP A 110 3.46 13.64 -0.54
CA TRP A 110 4.39 12.88 -1.38
C TRP A 110 4.92 11.64 -0.68
N ILE A 111 4.89 11.55 0.66
CA ILE A 111 5.47 10.36 1.27
C ILE A 111 4.64 9.12 0.97
N PHE A 112 3.38 9.26 0.58
CA PHE A 112 2.64 8.06 0.19
C PHE A 112 3.12 7.54 -1.17
N ALA A 113 3.49 8.44 -2.09
CA ALA A 113 4.16 8.00 -3.31
C ALA A 113 5.49 7.33 -2.99
N LEU A 114 6.22 7.87 -2.03
CA LEU A 114 7.48 7.24 -1.65
C LEU A 114 7.22 5.79 -1.19
N ALA A 115 6.25 5.61 -0.30
CA ALA A 115 5.93 4.27 0.19
C ALA A 115 5.60 3.32 -0.96
N ILE A 116 4.83 3.80 -1.95
CA ILE A 116 4.48 2.97 -3.10
C ILE A 116 5.73 2.61 -3.89
N LEU A 117 6.60 3.58 -4.14
CA LEU A 117 7.80 3.35 -4.95
C LEU A 117 8.85 2.49 -4.24
N LEU A 118 8.83 2.43 -2.92
CA LEU A 118 9.72 1.51 -2.22
C LEU A 118 9.20 0.07 -2.23
N SER A 119 7.95 -0.14 -2.61
CA SER A 119 7.25 -1.40 -2.33
C SER A 119 7.44 -2.42 -3.44
N SER A 120 7.43 -3.70 -3.05
CA SER A 120 7.22 -4.83 -3.94
C SER A 120 5.74 -4.99 -4.29
N THR A 121 4.91 -4.86 -3.29
CA THR A 121 3.46 -4.90 -3.40
C THR A 121 2.88 -3.71 -2.64
N PHE A 122 2.03 -2.94 -3.32
CA PHE A 122 1.32 -1.82 -2.74
C PHE A 122 -0.12 -2.26 -2.47
N VAL A 123 -0.54 -2.17 -1.21
CA VAL A 123 -1.90 -2.48 -0.81
C VAL A 123 -2.64 -1.17 -0.57
N TYR A 124 -3.75 -0.97 -1.29
CA TYR A 124 -4.64 0.17 -1.11
C TYR A 124 -5.88 -0.34 -0.38
N ASN A 125 -6.16 0.26 0.76
CA ASN A 125 -7.16 -0.24 1.71
C ASN A 125 -8.26 0.82 1.85
N SER A 126 -9.52 0.44 1.57
CA SER A 126 -10.64 1.35 1.77
C SER A 126 -11.86 0.56 2.21
N MET A 127 -12.80 1.27 2.83
CA MET A 127 -13.99 0.65 3.38
C MET A 127 -15.15 0.67 2.39
N GLY A 128 -15.86 -0.44 2.30
CA GLY A 128 -17.13 -0.49 1.57
C GLY A 128 -16.94 -0.77 0.10
N THR A 129 -18.01 -0.55 -0.65
CA THR A 129 -17.97 -0.75 -2.08
C THR A 129 -17.04 0.27 -2.72
N ILE A 130 -16.50 -0.10 -3.88
CA ILE A 130 -15.65 0.82 -4.64
C ILE A 130 -16.52 1.94 -5.19
N ASN A 131 -16.35 3.14 -4.65
CA ASN A 131 -17.16 4.31 -4.99
C ASN A 131 -16.26 5.40 -5.58
N GLN A 132 -16.89 6.51 -5.96
CA GLN A 132 -16.18 7.57 -6.66
C GLN A 132 -15.07 8.15 -5.79
N GLN A 133 -15.31 8.30 -4.48
CA GLN A 133 -14.31 8.90 -3.60
C GLN A 133 -13.08 8.01 -3.46
N ALA A 134 -13.29 6.70 -3.32
CA ALA A 134 -12.14 5.80 -3.21
C ALA A 134 -11.35 5.78 -4.52
N MET A 135 -12.05 5.79 -5.65
CA MET A 135 -11.38 5.89 -6.96
C MET A 135 -10.61 7.20 -7.10
N ASP A 136 -11.21 8.33 -6.72
CA ASP A 136 -10.54 9.62 -6.82
C ASP A 136 -9.34 9.68 -5.89
N GLN A 137 -9.43 9.05 -4.77
CA GLN A 137 -8.33 9.01 -3.88
C GLN A 137 -7.21 8.24 -4.49
N LEU A 138 -7.50 7.07 -5.02
CA LEU A 138 -6.45 6.26 -5.63
C LEU A 138 -5.83 6.98 -6.81
N HIS A 139 -6.68 7.64 -7.61
CA HIS A 139 -6.18 8.40 -8.75
C HIS A 139 -5.19 9.47 -8.31
N TYR A 140 -5.47 10.16 -7.20
CA TYR A 140 -4.56 11.20 -6.73
C TYR A 140 -3.20 10.62 -6.39
N VAL A 141 -3.14 9.57 -5.56
CA VAL A 141 -1.82 9.07 -5.19
C VAL A 141 -1.13 8.39 -6.38
N THR A 142 -1.89 7.87 -7.34
CA THR A 142 -1.25 7.32 -8.53
C THR A 142 -0.61 8.41 -9.37
N GLU A 143 -1.31 9.54 -9.55
CA GLU A 143 -0.73 10.64 -10.32
C GLU A 143 0.52 11.16 -9.64
N LEU A 144 0.45 11.33 -8.31
CA LEU A 144 1.60 11.80 -7.56
C LEU A 144 2.78 10.85 -7.73
N THR A 145 2.53 9.55 -7.58
CA THR A 145 3.60 8.57 -7.75
C THR A 145 4.18 8.64 -9.15
N ASP A 146 3.32 8.74 -10.16
CA ASP A 146 3.83 8.81 -11.54
C ASP A 146 4.63 10.08 -11.75
N ARG A 147 4.27 11.15 -11.11
CA ARG A 147 5.02 12.35 -11.23
C ARG A 147 6.38 12.17 -10.63
N ILE A 148 6.47 11.64 -9.44
CA ILE A 148 7.77 11.44 -8.80
C ILE A 148 8.60 10.43 -9.59
N LYS A 149 7.95 9.35 -10.07
CA LYS A 149 8.65 8.36 -10.87
C LYS A 149 9.32 9.01 -12.07
N ALA A 150 8.56 9.80 -12.81
CA ALA A 150 8.98 10.37 -14.10
C ALA A 150 10.11 11.32 -14.01
N ASN A 151 10.25 11.78 -12.85
CA ASN A 151 11.26 12.73 -12.56
C ASN A 151 12.32 12.34 -11.49
N SER A 152 12.73 11.10 -11.35
CA SER A 152 13.77 10.80 -10.38
C SER A 152 14.63 9.70 -10.97
N SER A 153 15.81 9.48 -10.45
CA SER A 153 16.69 8.56 -11.18
C SER A 153 16.22 7.10 -11.16
N PRO A 154 15.68 6.62 -10.04
CA PRO A 154 15.24 5.23 -10.02
C PRO A 154 14.18 4.91 -11.02
N GLY A 155 13.32 5.86 -11.34
CA GLY A 155 12.25 5.64 -12.27
C GLY A 155 12.42 6.19 -13.66
N ASN A 156 13.41 7.07 -13.86
CA ASN A 156 13.70 7.68 -15.16
C ASN A 156 13.92 6.65 -16.23
N ASN A 157 13.42 6.99 -17.40
CA ASN A 157 13.50 6.17 -18.60
C ASN A 157 12.89 4.82 -18.42
N SER A 158 11.75 4.78 -17.76
CA SER A 158 11.00 3.58 -17.55
C SER A 158 9.57 3.96 -17.81
N VAL A 159 9.21 3.95 -19.08
CA VAL A 159 7.91 4.36 -19.50
C VAL A 159 6.89 3.36 -19.02
N ASP A 160 5.71 3.84 -18.65
CA ASP A 160 4.65 2.95 -18.17
C ASP A 160 4.16 1.83 -19.11
N ASP A 161 4.37 1.94 -20.41
CA ASP A 161 3.92 0.88 -21.31
C ASP A 161 4.95 -0.17 -21.62
N SER A 162 6.11 -0.10 -21.03
CA SER A 162 7.17 -1.04 -21.35
C SER A 162 7.11 -2.29 -20.52
N ALA A 163 7.88 -3.28 -20.89
CA ALA A 163 7.88 -4.51 -20.15
C ALA A 163 8.71 -4.40 -18.89
N ASP A 164 9.64 -3.47 -18.87
CA ASP A 164 10.42 -3.30 -17.68
C ASP A 164 9.51 -2.73 -16.61
N PHE A 165 8.68 -1.78 -16.98
CA PHE A 165 7.77 -1.20 -16.02
C PHE A 165 6.80 -2.22 -15.47
N VAL A 166 6.21 -2.99 -16.35
CA VAL A 166 5.23 -4.01 -15.99
C VAL A 166 5.84 -5.01 -15.01
N SER A 167 7.12 -5.34 -15.18
CA SER A 167 7.75 -6.41 -14.41
C SER A 167 8.35 -5.93 -13.08
N PHE A 168 8.93 -4.73 -13.04
CA PHE A 168 9.76 -4.34 -11.91
C PHE A 168 9.17 -3.23 -11.05
N PHE A 169 8.01 -2.70 -11.39
CA PHE A 169 7.33 -1.74 -10.52
C PHE A 169 6.25 -2.44 -9.74
N PRO A 170 5.67 -1.78 -8.75
CA PRO A 170 4.94 -2.52 -7.69
C PRO A 170 3.68 -3.20 -8.22
N ALA A 171 3.48 -4.44 -7.77
CA ALA A 171 2.16 -5.05 -7.92
C ALA A 171 1.16 -4.34 -7.01
N PHE A 172 -0.11 -4.46 -7.36
CA PHE A 172 -1.17 -3.69 -6.73
C PHE A 172 -2.24 -4.63 -6.17
N VAL A 173 -2.66 -4.36 -4.93
CA VAL A 173 -3.73 -5.11 -4.28
C VAL A 173 -4.68 -4.10 -3.64
N TRP A 174 -5.95 -4.16 -3.99
CA TRP A 174 -7.00 -3.36 -3.37
C TRP A 174 -7.74 -4.21 -2.34
N THR A 175 -7.71 -3.79 -1.08
CA THR A 175 -8.41 -4.47 0.00
C THR A 175 -9.63 -3.64 0.37
N LEU A 176 -10.80 -4.27 0.32
CA LEU A 176 -12.08 -3.61 0.61
C LEU A 176 -12.61 -4.12 1.94
N ARG A 177 -12.85 -3.21 2.88
CA ARG A 177 -13.14 -3.59 4.26
C ARG A 177 -14.63 -3.41 4.59
N ASP A 178 -15.11 -4.17 5.58
CA ASP A 178 -16.51 -4.14 5.97
C ASP A 178 -17.41 -4.31 4.75
N PHE A 179 -17.04 -5.25 3.90
CA PHE A 179 -17.67 -5.45 2.60
C PHE A 179 -18.71 -6.55 2.74
N THR A 180 -19.98 -6.17 2.57
CA THR A 180 -21.10 -7.09 2.67
C THR A 180 -21.77 -7.33 1.34
N LEU A 181 -21.30 -6.68 0.27
CA LEU A 181 -21.98 -6.75 -1.02
C LEU A 181 -21.90 -8.16 -1.59
N GLU A 182 -23.00 -8.55 -2.26
CA GLU A 182 -23.10 -9.82 -2.96
C GLU A 182 -22.32 -9.75 -4.27
N LEU A 183 -21.34 -10.65 -4.42
CA LEU A 183 -20.48 -10.65 -5.61
C LEU A 183 -21.20 -11.45 -6.68
N GLU A 184 -22.19 -10.81 -7.28
CA GLU A 184 -23.07 -11.44 -8.26
C GLU A 184 -23.22 -10.52 -9.46
N VAL A 185 -23.33 -11.14 -10.63
CA VAL A 185 -23.76 -10.46 -11.85
C VAL A 185 -24.79 -11.35 -12.53
N ASP A 186 -26.02 -10.88 -12.57
CA ASP A 186 -27.11 -11.61 -13.23
C ASP A 186 -27.24 -13.02 -12.63
N GLY A 187 -27.37 -13.07 -11.30
CA GLY A 187 -27.51 -14.34 -10.61
C GLY A 187 -26.21 -15.11 -10.56
N GLU A 188 -25.39 -14.97 -11.61
CA GLU A 188 -24.10 -15.64 -11.64
C GLU A 188 -23.10 -14.91 -10.74
N PRO A 189 -22.39 -15.61 -9.88
CA PRO A 189 -21.45 -14.95 -8.96
C PRO A 189 -20.11 -14.69 -9.63
N ILE A 190 -19.46 -13.62 -9.14
CA ILE A 190 -18.16 -13.18 -9.63
C ILE A 190 -17.21 -13.03 -8.45
N THR A 191 -15.91 -13.10 -8.76
CA THR A 191 -14.85 -12.99 -7.78
C THR A 191 -14.63 -11.53 -7.37
N ALA A 192 -13.74 -11.34 -6.40
CA ALA A 192 -13.33 -10.00 -6.03
C ALA A 192 -12.44 -9.38 -7.13
N ASP A 193 -11.58 -10.18 -7.75
CA ASP A 193 -10.84 -9.70 -8.91
C ASP A 193 -11.78 -9.26 -10.02
N ASP A 194 -12.84 -10.05 -10.29
CA ASP A 194 -13.85 -9.63 -11.26
C ASP A 194 -14.45 -8.28 -10.86
N TYR A 195 -14.82 -8.15 -9.59
CA TYR A 195 -15.39 -6.88 -9.13
C TYR A 195 -14.44 -5.72 -9.43
N LEU A 196 -13.14 -5.91 -9.17
CA LEU A 196 -12.17 -4.84 -9.42
C LEU A 196 -12.06 -4.53 -10.91
N GLU A 197 -11.96 -5.55 -11.76
CA GLU A 197 -11.85 -5.31 -13.18
C GLU A 197 -13.11 -4.59 -13.70
N LEU A 198 -14.29 -4.98 -13.20
CA LEU A 198 -15.51 -4.25 -13.55
C LEU A 198 -15.41 -2.77 -13.17
N SER A 199 -14.91 -2.48 -11.98
CA SER A 199 -14.82 -1.08 -11.55
C SER A 199 -13.82 -0.30 -12.38
N LEU A 200 -12.85 -0.97 -13.00
CA LEU A 200 -11.87 -0.33 -13.87
C LEU A 200 -12.22 -0.46 -15.34
N LYS A 201 -13.32 -1.11 -15.66
CA LYS A 201 -13.73 -1.31 -17.04
C LYS A 201 -13.82 0.02 -17.78
N LEU A 202 -13.34 0.03 -19.01
CA LEU A 202 -13.35 1.24 -19.82
C LEU A 202 -14.56 1.24 -20.72
N ARG A 203 -15.22 2.39 -20.82
CA ARG A 203 -16.25 2.61 -21.82
C ARG A 203 -15.65 2.40 -23.20
N LYS A 204 -16.26 1.53 -23.97
CA LYS A 204 -15.75 1.14 -25.26
C LYS A 204 -16.00 2.06 -26.41
N GLY A 205 -15.12 3.01 -26.60
CA GLY A 205 -15.20 3.93 -27.72
C GLY A 205 -15.87 5.21 -27.30
N THR A 206 -16.81 5.09 -26.36
CA THR A 206 -17.60 6.24 -25.90
C THR A 206 -16.76 7.48 -25.80
N ASP A 207 -17.27 8.59 -26.34
CA ASP A 207 -16.40 9.74 -26.48
C ASP A 207 -16.58 11.14 -25.93
N LYS A 208 -17.80 11.59 -25.86
CA LYS A 208 -17.99 12.95 -25.42
C LYS A 208 -17.45 13.16 -24.02
N LYS A 209 -18.00 12.44 -23.07
CA LYS A 209 -17.49 12.50 -21.71
C LYS A 209 -17.31 11.08 -21.22
N SER A 210 -16.99 10.24 -22.22
CA SER A 210 -16.72 8.81 -22.15
C SER A 210 -15.21 8.62 -22.21
N LYS A 211 -14.49 9.44 -22.97
CA LYS A 211 -13.03 9.34 -22.95
C LYS A 211 -12.43 10.20 -21.83
N SER A 212 -13.30 10.97 -21.21
CA SER A 212 -13.02 11.68 -20.00
C SER A 212 -13.22 10.67 -18.91
N PHE A 213 -14.15 9.74 -19.07
CA PHE A 213 -14.44 8.69 -18.11
C PHE A 213 -13.25 7.75 -18.01
N ASN A 214 -12.72 7.37 -19.15
CA ASN A 214 -11.62 6.42 -19.22
C ASN A 214 -10.33 6.99 -18.63
N ASP A 215 -10.16 8.31 -18.66
CA ASP A 215 -8.87 8.88 -18.32
C ASP A 215 -8.37 8.47 -16.94
N PRO A 216 -9.13 8.67 -15.86
CA PRO A 216 -8.62 8.23 -14.54
C PRO A 216 -8.46 6.73 -14.44
N ARG A 217 -9.38 5.97 -15.07
CA ARG A 217 -9.28 4.52 -15.04
C ARG A 217 -8.05 4.03 -15.81
N LEU A 218 -7.76 4.67 -16.96
CA LEU A 218 -6.58 4.32 -17.73
C LEU A 218 -5.30 4.65 -16.96
N CYS A 219 -5.31 5.75 -16.22
CA CYS A 219 -4.16 6.11 -15.39
C CYS A 219 -3.86 5.00 -14.40
N ILE A 220 -4.89 4.55 -13.66
CA ILE A 220 -4.74 3.46 -12.69
C ILE A 220 -4.33 2.17 -13.38
N ARG A 221 -5.10 1.76 -14.40
CA ARG A 221 -4.84 0.50 -15.10
C ARG A 221 -3.40 0.43 -15.59
N LYS A 222 -2.92 1.50 -16.21
CA LYS A 222 -1.59 1.42 -16.80
C LYS A 222 -0.49 1.62 -15.76
N PHE A 223 -0.75 2.38 -14.70
CA PHE A 223 0.30 2.47 -13.70
C PHE A 223 0.41 1.19 -12.90
N PHE A 224 -0.69 0.46 -12.73
CA PHE A 224 -0.74 -0.77 -11.93
C PHE A 224 -1.24 -1.91 -12.80
N PRO A 225 -0.42 -2.41 -13.73
CA PRO A 225 -0.90 -3.48 -14.64
C PRO A 225 -1.05 -4.84 -13.96
N LYS A 226 -0.48 -5.02 -12.76
CA LYS A 226 -0.61 -6.26 -12.00
C LYS A 226 -1.53 -5.96 -10.83
N ARG A 227 -2.73 -6.52 -10.85
CA ARG A 227 -3.78 -6.10 -9.92
C ARG A 227 -4.44 -7.33 -9.29
N LYS A 228 -4.89 -7.17 -8.08
CA LYS A 228 -5.62 -8.14 -7.34
C LYS A 228 -6.56 -7.45 -6.38
N CYS A 229 -7.66 -8.08 -6.03
CA CYS A 229 -8.59 -7.50 -5.08
C CYS A 229 -8.98 -8.55 -4.04
N PHE A 230 -9.08 -8.12 -2.77
CA PHE A 230 -9.54 -8.99 -1.68
C PHE A 230 -10.62 -8.24 -0.92
N VAL A 231 -11.70 -8.94 -0.58
CA VAL A 231 -12.81 -8.36 0.17
C VAL A 231 -12.82 -8.96 1.56
N PHE A 232 -13.15 -8.13 2.57
CA PHE A 232 -13.19 -8.55 3.97
C PHE A 232 -14.52 -8.10 4.57
N ASP A 233 -15.24 -9.05 5.12
CA ASP A 233 -16.44 -8.75 5.91
C ASP A 233 -16.05 -7.93 7.14
N TRP A 234 -17.06 -7.36 7.82
CA TRP A 234 -16.85 -6.90 9.20
C TRP A 234 -16.07 -7.98 9.96
N PRO A 235 -15.01 -7.62 10.71
CA PRO A 235 -14.30 -8.64 11.51
C PRO A 235 -15.18 -9.35 12.53
N ALA A 236 -16.09 -8.62 13.13
CA ALA A 236 -16.96 -9.13 14.18
C ALA A 236 -18.11 -8.16 14.38
N PRO A 237 -19.17 -8.54 15.10
CA PRO A 237 -20.23 -7.56 15.43
C PRO A 237 -19.58 -6.30 16.00
N LYS A 238 -20.10 -5.15 15.58
CA LYS A 238 -19.55 -3.86 15.91
C LYS A 238 -19.27 -3.60 17.35
N LYS A 239 -20.11 -4.14 18.18
CA LYS A 239 -19.87 -4.11 19.62
C LYS A 239 -18.38 -4.19 19.93
N TYR A 240 -17.74 -5.17 19.34
CA TYR A 240 -16.38 -5.52 19.65
C TYR A 240 -15.23 -4.90 18.93
N LEU A 241 -15.49 -4.00 18.04
CA LEU A 241 -14.43 -3.46 17.23
C LEU A 241 -13.50 -2.48 17.80
N ALA A 242 -13.77 -2.03 19.00
CA ALA A 242 -12.96 -1.09 19.69
C ALA A 242 -11.56 -1.58 19.72
N HIS A 243 -11.35 -2.77 20.22
CA HIS A 243 -10.01 -3.29 20.23
C HIS A 243 -9.98 -4.72 19.66
N LEU A 244 -10.11 -4.82 18.37
CA LEU A 244 -10.08 -6.07 17.68
C LEU A 244 -8.89 -6.94 18.07
N GLU A 245 -7.71 -6.37 18.11
CA GLU A 245 -6.50 -7.07 18.50
C GLU A 245 -6.59 -7.87 19.78
N GLN A 246 -7.37 -7.41 20.73
CA GLN A 246 -7.57 -8.11 21.96
C GLN A 246 -8.56 -9.29 21.85
N LEU A 247 -9.33 -9.36 20.79
CA LEU A 247 -10.27 -10.44 20.66
C LEU A 247 -9.55 -11.71 20.36
N LYS A 248 -10.17 -12.81 20.76
CA LYS A 248 -9.66 -14.15 20.49
C LYS A 248 -10.08 -14.54 19.10
N GLU A 249 -9.28 -15.29 18.39
CA GLU A 249 -9.63 -15.61 17.01
C GLU A 249 -11.01 -16.26 16.88
N GLU A 250 -11.41 -17.12 17.82
CA GLU A 250 -12.69 -17.80 17.60
C GLU A 250 -13.88 -16.86 17.73
N GLU A 251 -13.66 -15.59 18.10
CA GLU A 251 -14.74 -14.63 18.22
C GLU A 251 -14.90 -13.74 17.00
N LEU A 252 -14.01 -13.89 16.01
CA LEU A 252 -14.16 -13.25 14.72
C LEU A 252 -15.22 -13.95 13.86
N ASN A 253 -15.72 -13.23 12.87
CA ASN A 253 -16.61 -13.84 11.90
C ASN A 253 -15.83 -14.86 11.07
N PRO A 254 -16.42 -16.03 10.81
CA PRO A 254 -15.66 -17.08 10.12
C PRO A 254 -15.23 -16.68 8.73
N ASP A 255 -16.10 -15.99 7.98
CA ASP A 255 -15.70 -15.54 6.65
C ASP A 255 -14.53 -14.56 6.70
N PHE A 256 -14.52 -13.68 7.71
CA PHE A 256 -13.38 -12.79 7.88
C PHE A 256 -12.10 -13.58 8.14
N ILE A 257 -12.16 -14.61 8.99
CA ILE A 257 -10.98 -15.44 9.23
C ILE A 257 -10.46 -16.00 7.91
N GLU A 258 -11.35 -16.60 7.11
CA GLU A 258 -10.94 -17.12 5.81
C GLU A 258 -10.42 -16.01 4.90
N GLN A 259 -11.06 -14.84 4.91
CA GLN A 259 -10.61 -13.77 4.02
C GLN A 259 -9.23 -13.24 4.41
N VAL A 260 -8.93 -13.19 5.71
CA VAL A 260 -7.60 -12.79 6.12
C VAL A 260 -6.58 -13.85 5.73
N ALA A 261 -6.94 -15.14 5.88
CA ALA A 261 -6.01 -16.21 5.52
C ALA A 261 -5.67 -16.18 4.03
N GLU A 262 -6.66 -15.92 3.23
CA GLU A 262 -6.48 -15.84 1.82
C GLU A 262 -5.55 -14.69 1.43
N PHE A 263 -5.83 -13.50 1.90
CA PHE A 263 -4.95 -12.35 1.68
C PHE A 263 -3.52 -12.64 2.11
N CYS A 264 -3.35 -13.14 3.34
CA CYS A 264 -1.99 -13.36 3.84
C CYS A 264 -1.25 -14.36 2.97
N SER A 265 -1.92 -15.46 2.65
CA SER A 265 -1.31 -16.49 1.82
C SER A 265 -0.92 -15.96 0.45
N TYR A 266 -1.76 -15.13 -0.16
CA TYR A 266 -1.43 -14.56 -1.45
C TYR A 266 -0.19 -13.66 -1.35
N ILE A 267 -0.23 -12.70 -0.42
CA ILE A 267 0.88 -11.74 -0.28
C ILE A 267 2.19 -12.47 -0.01
N LEU A 268 2.20 -13.37 0.96
CA LEU A 268 3.43 -14.02 1.38
C LEU A 268 3.95 -15.03 0.38
N SER A 269 3.12 -15.50 -0.54
CA SER A 269 3.61 -16.38 -1.60
C SER A 269 3.89 -15.65 -2.92
N HIS A 270 3.24 -14.51 -3.17
CA HIS A 270 3.30 -13.85 -4.48
C HIS A 270 4.09 -12.54 -4.54
N SER A 271 4.34 -11.87 -3.41
CA SER A 271 5.08 -10.61 -3.51
C SER A 271 6.56 -10.93 -3.69
N ASN A 272 7.16 -10.36 -4.73
CA ASN A 272 8.54 -10.67 -5.12
C ASN A 272 9.54 -9.85 -4.31
N VAL A 273 10.79 -10.30 -4.34
CA VAL A 273 11.87 -9.48 -3.83
C VAL A 273 11.80 -8.14 -4.54
N LYS A 274 11.95 -7.06 -3.78
CA LYS A 274 12.01 -5.74 -4.39
C LYS A 274 13.12 -5.70 -5.43
N THR A 275 12.82 -5.07 -6.56
CA THR A 275 13.79 -4.95 -7.64
C THR A 275 13.88 -3.51 -8.16
N LEU A 276 15.08 -3.10 -8.51
CA LEU A 276 15.27 -1.83 -9.19
C LEU A 276 14.77 -1.92 -10.63
N SER A 277 14.69 -0.76 -11.28
CA SER A 277 14.56 -0.74 -12.73
C SER A 277 15.72 -1.50 -13.34
N GLY A 278 15.41 -2.48 -14.17
CA GLY A 278 16.41 -3.35 -14.77
C GLY A 278 16.43 -4.75 -14.20
N GLY A 279 15.95 -4.95 -12.97
CA GLY A 279 15.87 -6.26 -12.38
C GLY A 279 16.86 -6.53 -11.26
N ILE A 280 17.65 -5.57 -10.86
CA ILE A 280 18.60 -5.80 -9.80
C ILE A 280 17.87 -6.00 -8.48
N PRO A 281 18.16 -7.09 -7.78
CA PRO A 281 17.50 -7.37 -6.52
C PRO A 281 17.90 -6.37 -5.50
N VAL A 282 17.05 -6.11 -4.54
CA VAL A 282 17.32 -5.15 -3.58
C VAL A 282 17.40 -5.67 -2.22
N ASN A 283 18.44 -5.37 -1.49
CA ASN A 283 18.52 -5.79 -0.08
C ASN A 283 18.40 -4.62 0.88
N GLY A 284 18.60 -4.84 2.17
CA GLY A 284 18.52 -3.80 3.15
C GLY A 284 19.23 -2.50 2.83
N PRO A 285 20.54 -2.54 2.67
CA PRO A 285 21.29 -1.31 2.37
C PRO A 285 20.91 -0.70 1.03
N ARG A 286 20.53 -1.52 0.07
CA ARG A 286 20.09 -1.01 -1.18
C ARG A 286 18.74 -0.29 -1.05
N LEU A 287 17.87 -0.75 -0.19
CA LEU A 287 16.63 -0.10 0.05
C LEU A 287 16.92 1.22 0.76
N GLU A 288 17.81 1.19 1.71
CA GLU A 288 18.20 2.41 2.39
C GLU A 288 18.71 3.45 1.41
N SER A 289 19.48 3.02 0.39
CA SER A 289 19.98 3.98 -0.61
C SER A 289 18.84 4.51 -1.49
N LEU A 290 17.81 3.69 -1.73
CA LEU A 290 16.62 4.16 -2.43
C LEU A 290 15.91 5.22 -1.61
N VAL A 291 15.73 4.97 -0.31
CA VAL A 291 15.09 5.98 0.55
C VAL A 291 15.85 7.30 0.43
N LEU A 292 17.17 7.25 0.68
CA LEU A 292 17.98 8.46 0.64
C LEU A 292 17.86 9.17 -0.70
N THR A 293 17.94 8.41 -1.80
CA THR A 293 17.92 9.00 -3.14
C THR A 293 16.61 9.73 -3.38
N TYR A 294 15.49 9.08 -3.08
CA TYR A 294 14.18 9.70 -3.25
C TYR A 294 14.02 10.93 -2.36
N VAL A 295 14.33 10.77 -1.07
CA VAL A 295 14.10 11.88 -0.15
C VAL A 295 14.92 13.09 -0.58
N ASN A 296 16.17 12.87 -1.00
CA ASN A 296 16.98 14.00 -1.45
C ASN A 296 16.45 14.60 -2.74
N ALA A 297 16.08 13.76 -3.72
CA ALA A 297 15.55 14.31 -4.97
C ALA A 297 14.27 15.10 -4.73
N ILE A 298 13.42 14.63 -3.82
CA ILE A 298 12.17 15.33 -3.58
C ILE A 298 12.39 16.57 -2.72
N SER A 299 13.28 16.49 -1.73
CA SER A 299 13.61 17.66 -0.93
C SER A 299 14.32 18.72 -1.76
N SER A 300 15.47 18.35 -2.34
CA SER A 300 16.27 19.27 -3.15
C SER A 300 15.58 19.67 -4.45
N GLY A 301 14.41 19.09 -4.76
CA GLY A 301 13.85 19.24 -6.07
C GLY A 301 13.31 20.63 -6.33
N ASP A 302 13.10 20.95 -7.60
CA ASP A 302 12.65 22.29 -7.93
C ASP A 302 11.14 22.38 -7.93
N LEU A 303 10.50 21.53 -8.70
CA LEU A 303 9.06 21.55 -8.86
C LEU A 303 8.19 20.81 -7.86
N PRO A 304 6.91 21.19 -7.83
CA PRO A 304 6.04 20.39 -6.96
C PRO A 304 5.86 19.00 -7.52
N CYS A 305 5.60 18.06 -6.63
CA CYS A 305 5.18 16.73 -7.07
C CYS A 305 3.71 16.81 -7.43
#